data_9NA3
#
_entry.id   9NA3
#
_cell.length_a   87.670
_cell.length_b   110.430
_cell.length_c   140.450
_cell.angle_alpha   90.000
_cell.angle_beta   90.000
_cell.angle_gamma   90.000
#
_symmetry.space_group_name_H-M   'I 2 2 2'
#
loop_
_entity.id
_entity.type
_entity.pdbx_description
1 polymer 'Interleukin-1 receptor-associated kinase 4'
2 non-polymer (6P)-6-[(8R)-3-cyanopyrrolo[1,2-b]pyridazin-7-yl]-N-[(2S)-2-fluoro-3-hydroxy-3-methylbutyl]-4-[(4-hydroxybicyclo[2.2.2]octan-1-yl)amino]pyridine-3-carboxamide
3 water water
#
_entity_poly.entity_id   1
_entity_poly.type   'polypeptide(L)'
_entity_poly.pdbx_seq_one_letter_code
;GAMVSDTRFHSFSFYELKNVTNNFDERPISVGGNKMGEGGFGVVYKGYVNNTTVAVKKLAAMVDITTEELKQQFDQEIKV
MAKCQHENLVELLGFSSDGDDLCLVYVYMPNGSLLDRLSCLDGTPPLSWHMRCKIAQGAANGINFLHENHHIHRDIKSAN
ILLDEAFTAKISDFGLARASEKFAQ(TPO)VM(TPO)(SEP)RIVGTTAYMAPEALRGEITPKSDIYSFGVVLLEIITGL
PAVDEHREPQLLLDIKEEIEDEEKTIEDYIDKKMNDADSTSVEAMYSVASQCLHEKKNKRPDIKKVQQLLQEMTAS
;
_entity_poly.pdbx_strand_id   A,H0A0
#
loop_
_chem_comp.id
_chem_comp.type
_chem_comp.name
_chem_comp.formula
A1BWX non-polymer (6P)-6-[(8R)-3-cyanopyrrolo[1,2-b]pyridazin-7-yl]-N-[(2S)-2-fluoro-3-hydroxy-3-methylbutyl]-4-[(4-hydroxybicyclo[2.2.2]octan-1-yl)amino]pyridine-3-carboxamide 'C27 H31 F N6 O3'
#
# COMPACT_ATOMS: atom_id res chain seq x y z
N ARG A 8 -23.85 7.76 -30.32
CA ARG A 8 -23.14 7.36 -29.11
C ARG A 8 -22.53 8.58 -28.42
N PHE A 9 -21.21 8.70 -28.51
CA PHE A 9 -20.50 9.86 -27.97
C PHE A 9 -20.10 10.80 -29.10
N HIS A 10 -19.98 12.08 -28.75
CA HIS A 10 -19.60 13.11 -29.70
C HIS A 10 -18.09 13.30 -29.67
N SER A 11 -17.46 13.21 -30.84
CA SER A 11 -16.03 13.49 -30.95
C SER A 11 -15.85 14.99 -31.02
N PHE A 12 -15.48 15.60 -29.90
CA PHE A 12 -15.25 17.03 -29.87
C PHE A 12 -13.86 17.36 -30.39
N SER A 13 -13.69 18.61 -30.80
CA SER A 13 -12.40 19.09 -31.27
C SER A 13 -11.69 19.85 -30.17
N PHE A 14 -10.41 19.53 -30.00
CA PHE A 14 -9.42 20.28 -29.23
C PHE A 14 -9.68 21.79 -29.18
N TYR A 15 -9.65 22.44 -30.35
CA TYR A 15 -9.76 23.91 -30.36
C TYR A 15 -11.09 24.37 -29.78
N GLU A 16 -12.16 23.62 -30.03
CA GLU A 16 -13.45 23.95 -29.44
C GLU A 16 -13.40 23.95 -27.93
N LEU A 17 -12.59 23.06 -27.36
CA LEU A 17 -12.45 22.97 -25.91
C LEU A 17 -11.58 24.11 -25.37
N LYS A 18 -10.58 24.54 -26.13
CA LYS A 18 -9.74 25.66 -25.71
C LYS A 18 -10.54 26.96 -25.68
N ASN A 19 -11.42 27.15 -26.67
CA ASN A 19 -12.20 28.39 -26.74
C ASN A 19 -13.20 28.46 -25.59
N VAL A 20 -13.82 27.33 -25.23
CA VAL A 20 -14.82 27.36 -24.17
C VAL A 20 -14.16 27.38 -22.80
N THR A 21 -12.92 26.89 -22.68
CA THR A 21 -12.19 26.93 -21.42
C THR A 21 -11.35 28.19 -21.27
N ASN A 22 -11.45 29.13 -22.21
CA ASN A 22 -10.60 30.32 -22.22
C ASN A 22 -9.13 29.93 -22.27
N ASN A 23 -8.81 29.00 -23.17
CA ASN A 23 -7.47 28.44 -23.30
C ASN A 23 -7.01 27.77 -22.00
N PHE A 24 -7.89 26.93 -21.46
CA PHE A 24 -7.57 26.09 -20.31
C PHE A 24 -7.04 26.92 -19.15
N ASP A 25 -7.73 28.04 -18.89
CA ASP A 25 -7.38 28.97 -17.82
C ASP A 25 -7.41 28.28 -16.47
N GLU A 26 -6.22 27.99 -15.91
CA GLU A 26 -6.10 27.23 -14.68
C GLU A 26 -6.40 28.06 -13.43
N ARG A 27 -6.92 29.28 -13.59
CA ARG A 27 -7.25 30.13 -12.46
C ARG A 27 -8.64 29.78 -11.92
N PRO A 28 -8.90 30.06 -10.65
CA PRO A 28 -10.23 29.79 -10.10
C PRO A 28 -11.31 30.66 -10.73
N ILE A 29 -12.54 30.16 -10.68
CA ILE A 29 -13.67 30.86 -11.31
C ILE A 29 -13.84 32.26 -10.74
N SER A 30 -13.77 32.38 -9.41
CA SER A 30 -13.92 33.68 -8.77
C SER A 30 -12.83 34.66 -9.18
N VAL A 31 -11.72 34.16 -9.73
CA VAL A 31 -10.66 35.03 -10.25
C VAL A 31 -10.81 35.30 -11.74
N GLY A 32 -11.68 34.55 -12.43
CA GLY A 32 -11.91 34.74 -13.85
C GLY A 32 -11.44 33.59 -14.71
N GLY A 33 -10.78 32.59 -14.12
CA GLY A 33 -10.34 31.43 -14.86
C GLY A 33 -11.45 30.43 -15.04
N ASN A 34 -11.05 29.19 -15.34
CA ASN A 34 -12.00 28.12 -15.58
C ASN A 34 -11.78 26.87 -14.74
N LYS A 35 -10.65 26.75 -14.03
CA LYS A 35 -10.35 25.53 -13.30
C LYS A 35 -11.25 25.41 -12.08
N MET A 36 -11.99 24.30 -12.01
CA MET A 36 -12.75 23.97 -10.82
C MET A 36 -12.03 22.97 -9.93
N GLY A 37 -11.11 22.21 -10.48
CA GLY A 37 -10.36 21.24 -9.70
C GLY A 37 -9.45 20.42 -10.59
N GLU A 38 -8.66 19.58 -9.94
CA GLU A 38 -7.74 18.69 -10.62
C GLU A 38 -7.91 17.28 -10.06
N GLY A 39 -7.78 16.29 -10.93
CA GLY A 39 -7.78 14.90 -10.52
C GLY A 39 -6.36 14.36 -10.41
N GLY A 40 -6.28 13.08 -10.06
CA GLY A 40 -4.97 12.45 -10.01
C GLY A 40 -4.32 12.33 -11.37
N PHE A 41 -5.13 12.23 -12.42
CA PHE A 41 -4.63 11.97 -13.77
C PHE A 41 -5.03 13.06 -14.75
N GLY A 42 -5.63 14.16 -14.29
CA GLY A 42 -6.01 15.23 -15.21
C GLY A 42 -6.57 16.40 -14.45
N VAL A 43 -6.85 17.47 -15.21
CA VAL A 43 -7.46 18.68 -14.69
C VAL A 43 -8.84 18.85 -15.32
N VAL A 44 -9.69 19.63 -14.65
CA VAL A 44 -11.08 19.79 -15.03
C VAL A 44 -11.43 21.28 -15.01
N TYR A 45 -12.08 21.76 -16.09
CA TYR A 45 -12.53 23.14 -16.18
C TYR A 45 -13.98 23.18 -16.64
N LYS A 46 -14.66 24.26 -16.28
CA LYS A 46 -16.02 24.52 -16.76
C LYS A 46 -15.95 25.19 -18.13
N GLY A 47 -16.91 24.85 -18.99
CA GLY A 47 -16.96 25.44 -20.31
C GLY A 47 -18.31 25.27 -20.98
N TYR A 48 -19.06 26.36 -21.11
CA TYR A 48 -20.39 26.30 -21.69
C TYR A 48 -20.29 25.95 -23.18
N VAL A 49 -20.89 24.82 -23.56
CA VAL A 49 -20.84 24.33 -24.93
C VAL A 49 -22.26 24.08 -25.41
N ASN A 50 -22.69 24.81 -26.44
CA ASN A 50 -24.04 24.71 -26.98
C ASN A 50 -25.07 24.82 -25.87
N ASN A 51 -24.87 25.80 -24.99
CA ASN A 51 -25.67 26.08 -23.80
C ASN A 51 -25.59 24.97 -22.75
N THR A 52 -24.89 23.88 -23.01
CA THR A 52 -24.68 22.83 -22.02
C THR A 52 -23.42 23.16 -21.22
N THR A 53 -23.58 23.42 -19.93
CA THR A 53 -22.44 23.59 -19.05
C THR A 53 -21.73 22.25 -18.88
N VAL A 54 -20.40 22.25 -19.07
CA VAL A 54 -19.66 21.01 -19.28
C VAL A 54 -18.34 21.05 -18.52
N ALA A 55 -17.93 19.89 -18.01
CA ALA A 55 -16.62 19.70 -17.39
C ALA A 55 -15.77 18.85 -18.34
N VAL A 56 -14.63 19.39 -18.74
CA VAL A 56 -13.69 18.70 -19.62
C VAL A 56 -12.49 18.24 -18.80
N LYS A 57 -11.99 17.06 -19.13
CA LYS A 57 -10.93 16.38 -18.37
C LYS A 57 -9.68 16.29 -19.26
N LYS A 58 -8.89 17.36 -19.28
CA LYS A 58 -7.61 17.30 -19.98
C LYS A 58 -6.64 16.49 -19.12
N LEU A 59 -6.41 15.25 -19.51
CA LEU A 59 -5.56 14.35 -18.76
C LEU A 59 -4.15 14.91 -18.64
N ALA A 60 -3.44 14.49 -17.59
CA ALA A 60 -2.09 14.97 -17.36
C ALA A 60 -1.33 13.92 -16.55
N ALA A 61 -0.42 13.21 -17.20
CA ALA A 61 0.38 12.20 -16.52
C ALA A 61 1.40 12.85 -15.59
N ILE A 65 3.70 5.84 -14.86
CA ILE A 65 2.63 6.71 -15.33
C ILE A 65 3.03 7.35 -16.65
N THR A 66 3.04 6.55 -17.72
CA THR A 66 3.52 7.01 -19.01
C THR A 66 2.36 7.53 -19.86
N THR A 67 2.70 8.01 -21.07
CA THR A 67 1.69 8.56 -21.96
C THR A 67 0.76 7.47 -22.52
N GLU A 68 1.25 6.24 -22.64
CA GLU A 68 0.40 5.16 -23.14
C GLU A 68 -0.67 4.80 -22.12
N GLU A 69 -0.26 4.53 -20.88
CA GLU A 69 -1.21 4.09 -19.86
C GLU A 69 -2.30 5.13 -19.63
N LEU A 70 -1.92 6.41 -19.61
CA LEU A 70 -2.90 7.47 -19.49
C LEU A 70 -3.93 7.41 -20.62
N LYS A 71 -3.50 7.00 -21.82
CA LYS A 71 -4.42 6.87 -22.93
C LYS A 71 -5.25 5.60 -22.86
N GLN A 72 -4.69 4.51 -22.32
CA GLN A 72 -5.49 3.30 -22.14
C GLN A 72 -6.59 3.51 -21.11
N GLN A 73 -6.31 4.32 -20.08
CA GLN A 73 -7.36 4.64 -19.12
C GLN A 73 -8.39 5.57 -19.72
N PHE A 74 -7.96 6.47 -20.62
CA PHE A 74 -8.89 7.21 -21.46
C PHE A 74 -9.82 6.27 -22.20
N ASP A 75 -9.29 5.15 -22.70
CA ASP A 75 -10.11 4.15 -23.38
C ASP A 75 -11.08 3.48 -22.41
N GLN A 76 -10.58 3.04 -21.26
CA GLN A 76 -11.40 2.26 -20.34
C GLN A 76 -12.61 3.06 -19.86
N GLU A 77 -12.41 4.35 -19.58
CA GLU A 77 -13.53 5.18 -19.16
C GLU A 77 -14.61 5.23 -20.23
N ILE A 78 -14.21 5.47 -21.49
CA ILE A 78 -15.15 5.48 -22.59
C ILE A 78 -15.83 4.12 -22.71
N LYS A 79 -15.07 3.04 -22.58
CA LYS A 79 -15.62 1.70 -22.77
C LYS A 79 -16.61 1.34 -21.67
N VAL A 80 -16.33 1.73 -20.43
CA VAL A 80 -17.27 1.46 -19.35
C VAL A 80 -18.46 2.42 -19.40
N MET A 81 -18.21 3.70 -19.70
CA MET A 81 -19.28 4.69 -19.77
C MET A 81 -20.26 4.42 -20.90
N ALA A 82 -19.84 3.68 -21.93
CA ALA A 82 -20.75 3.31 -23.00
C ALA A 82 -21.70 2.19 -22.58
N LYS A 83 -21.26 1.34 -21.66
CA LYS A 83 -22.08 0.22 -21.22
C LYS A 83 -22.83 0.49 -19.92
N CYS A 84 -22.47 1.54 -19.20
CA CYS A 84 -23.02 1.80 -17.86
C CYS A 84 -23.62 3.21 -17.85
N GLN A 85 -24.92 3.29 -18.07
CA GLN A 85 -25.68 4.53 -17.92
C GLN A 85 -26.65 4.38 -16.76
N HIS A 86 -26.60 5.32 -15.82
CA HIS A 86 -27.37 5.23 -14.59
C HIS A 86 -27.42 6.61 -13.96
N GLU A 87 -28.51 6.88 -13.23
CA GLU A 87 -28.68 8.20 -12.62
C GLU A 87 -27.63 8.49 -11.57
N ASN A 88 -27.03 7.46 -10.98
CA ASN A 88 -26.01 7.63 -9.96
C ASN A 88 -24.60 7.43 -10.51
N LEU A 89 -24.42 7.57 -11.82
CA LEU A 89 -23.12 7.65 -12.46
C LEU A 89 -23.04 8.95 -13.25
N VAL A 90 -21.82 9.45 -13.45
CA VAL A 90 -21.65 10.59 -14.34
C VAL A 90 -21.97 10.17 -15.77
N GLU A 91 -22.23 11.15 -16.62
CA GLU A 91 -22.54 10.90 -18.02
C GLU A 91 -21.43 11.45 -18.90
N LEU A 92 -20.82 10.58 -19.69
CA LEU A 92 -19.84 10.99 -20.68
C LEU A 92 -20.57 11.50 -21.91
N LEU A 93 -20.40 12.79 -22.22
CA LEU A 93 -20.99 13.35 -23.43
C LEU A 93 -20.15 13.09 -24.66
N GLY A 94 -18.84 13.08 -24.50
CA GLY A 94 -17.95 12.87 -25.63
C GLY A 94 -16.51 12.99 -25.20
N PHE A 95 -15.64 13.27 -26.17
CA PHE A 95 -14.21 13.29 -25.90
C PHE A 95 -13.50 14.13 -26.94
N SER A 96 -12.22 14.39 -26.68
CA SER A 96 -11.32 15.01 -27.63
C SER A 96 -9.96 14.33 -27.50
N SER A 97 -9.54 13.65 -28.58
CA SER A 97 -8.34 12.81 -28.50
C SER A 97 -7.15 13.36 -29.26
N ASP A 98 -7.36 14.21 -30.27
CA ASP A 98 -6.25 14.65 -31.11
C ASP A 98 -5.91 16.13 -30.91
N LEU A 102 -6.86 12.41 -24.13
CA LEU A 102 -6.44 13.70 -23.61
C LEU A 102 -7.59 14.41 -22.91
N CYS A 103 -8.74 14.50 -23.59
CA CYS A 103 -9.89 15.23 -23.08
C CYS A 103 -11.12 14.32 -23.03
N LEU A 104 -11.84 14.39 -21.92
CA LEU A 104 -13.10 13.67 -21.74
C LEU A 104 -14.15 14.67 -21.30
N VAL A 105 -15.27 14.72 -22.02
CA VAL A 105 -16.30 15.73 -21.84
C VAL A 105 -17.49 15.11 -21.12
N TYR A 106 -17.89 15.73 -20.01
CA TYR A 106 -19.01 15.27 -19.21
C TYR A 106 -19.99 16.41 -18.97
N VAL A 107 -21.17 16.04 -18.49
CA VAL A 107 -22.12 17.04 -18.00
C VAL A 107 -21.58 17.63 -16.71
N TYR A 108 -21.53 18.95 -16.65
CA TYR A 108 -21.04 19.66 -15.47
C TYR A 108 -21.90 19.33 -14.25
N MET A 109 -21.22 19.03 -13.13
CA MET A 109 -21.91 18.73 -11.88
C MET A 109 -21.96 19.98 -11.04
N PRO A 110 -23.12 20.62 -10.88
CA PRO A 110 -23.17 21.94 -10.23
C PRO A 110 -22.61 21.96 -8.81
N ASN A 111 -22.52 20.83 -8.12
CA ASN A 111 -22.10 20.83 -6.72
C ASN A 111 -20.79 20.08 -6.51
N GLY A 112 -20.03 19.82 -7.57
CA GLY A 112 -18.69 19.28 -7.44
C GLY A 112 -18.65 17.91 -6.77
N SER A 113 -17.59 17.69 -6.00
CA SER A 113 -17.34 16.40 -5.36
C SER A 113 -17.83 16.40 -3.92
N LEU A 114 -18.17 15.20 -3.44
CA LEU A 114 -18.55 15.03 -2.04
C LEU A 114 -17.41 15.44 -1.11
N LEU A 115 -16.17 15.18 -1.51
CA LEU A 115 -15.02 15.59 -0.72
C LEU A 115 -15.04 17.10 -0.46
N ASP A 116 -15.16 17.88 -1.53
CA ASP A 116 -15.11 19.34 -1.39
C ASP A 116 -16.31 19.88 -0.62
N ARG A 117 -17.47 19.23 -0.74
CA ARG A 117 -18.65 19.71 -0.02
C ARG A 117 -18.60 19.33 1.45
N LEU A 118 -17.97 18.21 1.80
CA LEU A 118 -17.79 17.88 3.21
C LEU A 118 -16.81 18.85 3.88
N SER A 119 -15.89 19.42 3.12
CA SER A 119 -14.98 20.44 3.65
C SER A 119 -15.47 21.85 3.39
N CYS A 120 -16.67 22.01 2.80
CA CYS A 120 -17.26 23.32 2.52
C CYS A 120 -16.31 24.19 1.68
N LEU A 121 -15.66 23.57 0.71
CA LEU A 121 -14.72 24.28 -0.15
C LEU A 121 -15.42 25.39 -0.92
N ASP A 122 -14.71 26.50 -1.11
CA ASP A 122 -15.22 27.67 -1.83
C ASP A 122 -16.50 28.21 -1.19
N GLY A 123 -16.70 27.94 0.09
CA GLY A 123 -17.77 28.58 0.84
C GLY A 123 -19.14 27.95 0.73
N THR A 124 -19.24 26.73 0.20
CA THR A 124 -20.53 26.08 0.09
C THR A 124 -21.04 25.66 1.47
N PRO A 125 -22.35 25.74 1.69
CA PRO A 125 -22.89 25.45 3.02
C PRO A 125 -22.67 24.00 3.40
N PRO A 126 -22.58 23.69 4.69
CA PRO A 126 -22.35 22.31 5.11
C PRO A 126 -23.54 21.41 4.79
N LEU A 127 -23.23 20.16 4.47
CA LEU A 127 -24.27 19.19 4.13
C LEU A 127 -25.00 18.73 5.38
N SER A 128 -26.33 18.67 5.30
CA SER A 128 -27.15 18.18 6.39
C SER A 128 -27.07 16.66 6.47
N TRP A 129 -27.47 16.12 7.62
CA TRP A 129 -27.48 14.67 7.80
C TRP A 129 -28.45 14.00 6.83
N HIS A 130 -29.55 14.67 6.50
CA HIS A 130 -30.52 14.08 5.59
C HIS A 130 -30.00 14.05 4.16
N MET A 131 -29.23 15.07 3.76
CA MET A 131 -28.59 15.03 2.46
C MET A 131 -27.48 13.99 2.42
N ARG A 132 -26.73 13.87 3.52
CA ARG A 132 -25.64 12.89 3.56
C ARG A 132 -26.18 11.45 3.50
N CYS A 133 -27.29 11.19 4.18
CA CYS A 133 -27.90 9.86 4.09
C CYS A 133 -28.36 9.55 2.66
N LYS A 134 -28.97 10.53 1.99
CA LYS A 134 -29.41 10.32 0.61
C LYS A 134 -28.22 10.17 -0.33
N ILE A 135 -27.15 10.93 -0.09
CA ILE A 135 -25.96 10.83 -0.92
C ILE A 135 -25.34 9.44 -0.78
N ALA A 136 -25.29 8.92 0.45
CA ALA A 136 -24.74 7.58 0.66
C ALA A 136 -25.58 6.52 -0.03
N GLN A 137 -26.91 6.62 0.08
CA GLN A 137 -27.79 5.70 -0.63
C GLN A 137 -27.61 5.83 -2.13
N GLY A 138 -27.52 7.06 -2.64
CA GLY A 138 -27.30 7.26 -4.06
C GLY A 138 -25.97 6.69 -4.53
N ALA A 139 -24.93 6.85 -3.72
CA ALA A 139 -23.61 6.32 -4.09
C ALA A 139 -23.62 4.80 -4.05
N ALA A 140 -24.22 4.20 -3.02
CA ALA A 140 -24.32 2.75 -2.96
C ALA A 140 -25.18 2.22 -4.10
N ASN A 141 -26.23 2.96 -4.49
CA ASN A 141 -27.04 2.57 -5.63
C ASN A 141 -26.22 2.55 -6.91
N GLY A 142 -25.29 3.50 -7.05
CA GLY A 142 -24.44 3.53 -8.22
C GLY A 142 -23.45 2.38 -8.24
N ILE A 143 -22.80 2.13 -7.10
CA ILE A 143 -21.86 1.02 -7.02
C ILE A 143 -22.56 -0.30 -7.28
N ASN A 144 -23.81 -0.43 -6.81
CA ASN A 144 -24.59 -1.63 -7.08
C ASN A 144 -24.78 -1.84 -8.57
N PHE A 145 -25.07 -0.78 -9.31
CA PHE A 145 -25.23 -0.90 -10.76
C PHE A 145 -23.94 -1.35 -11.41
N LEU A 146 -22.80 -0.81 -10.95
CA LEU A 146 -21.51 -1.20 -11.52
C LEU A 146 -21.21 -2.67 -11.22
N HIS A 147 -21.39 -3.09 -9.96
CA HIS A 147 -21.13 -4.48 -9.61
C HIS A 147 -22.12 -5.43 -10.26
N GLU A 148 -23.36 -4.97 -10.50
CA GLU A 148 -24.31 -5.81 -11.21
C GLU A 148 -23.89 -6.04 -12.67
N ASN A 149 -23.20 -5.07 -13.26
CA ASN A 149 -22.69 -5.20 -14.62
C ASN A 149 -21.28 -5.76 -14.67
N HIS A 150 -20.82 -6.36 -13.56
CA HIS A 150 -19.52 -7.03 -13.49
C HIS A 150 -18.38 -6.06 -13.79
N HIS A 151 -18.38 -4.93 -13.09
CA HIS A 151 -17.33 -3.93 -13.20
C HIS A 151 -16.84 -3.56 -11.81
N ILE A 152 -15.53 -3.37 -11.68
CA ILE A 152 -14.90 -2.95 -10.42
C ILE A 152 -14.32 -1.56 -10.64
N HIS A 153 -14.66 -0.63 -9.75
CA HIS A 153 -14.25 0.75 -9.94
C HIS A 153 -12.76 0.93 -9.65
N ARG A 154 -12.30 0.45 -8.50
CA ARG A 154 -10.91 0.44 -8.02
C ARG A 154 -10.43 1.81 -7.55
N ASP A 155 -11.29 2.81 -7.47
CA ASP A 155 -10.90 4.11 -6.92
C ASP A 155 -12.11 4.80 -6.29
N ILE A 156 -12.90 4.04 -5.54
CA ILE A 156 -14.03 4.61 -4.82
C ILE A 156 -13.50 5.53 -3.72
N LYS A 157 -13.85 6.80 -3.80
CA LYS A 157 -13.47 7.79 -2.80
C LYS A 157 -14.40 8.99 -2.93
N SER A 158 -14.39 9.84 -1.90
CA SER A 158 -15.31 10.97 -1.86
C SER A 158 -15.04 12.00 -2.95
N ALA A 159 -13.81 12.04 -3.49
CA ALA A 159 -13.52 12.92 -4.61
C ALA A 159 -14.09 12.40 -5.92
N ASN A 160 -14.42 11.12 -6.00
CA ASN A 160 -15.00 10.52 -7.18
C ASN A 160 -16.50 10.31 -7.04
N ILE A 161 -17.11 10.84 -6.00
CA ILE A 161 -18.57 10.86 -5.85
C ILE A 161 -19.00 12.30 -6.08
N LEU A 162 -19.52 12.58 -7.27
CA LEU A 162 -19.90 13.93 -7.62
C LEU A 162 -21.38 14.17 -7.33
N LEU A 163 -21.76 15.44 -7.30
CA LEU A 163 -23.07 15.87 -6.83
C LEU A 163 -23.66 16.87 -7.81
N ASP A 164 -24.89 16.62 -8.24
CA ASP A 164 -25.55 17.50 -9.19
C ASP A 164 -26.28 18.62 -8.44
N GLU A 165 -27.14 19.36 -9.17
CA GLU A 165 -27.84 20.48 -8.55
C GLU A 165 -28.73 20.04 -7.40
N ALA A 166 -29.29 18.84 -7.49
CA ALA A 166 -30.13 18.29 -6.43
C ALA A 166 -29.34 17.46 -5.42
N PHE A 167 -28.01 17.54 -5.46
CA PHE A 167 -27.13 16.75 -4.60
C PHE A 167 -27.37 15.25 -4.81
N THR A 168 -27.72 14.87 -6.04
CA THR A 168 -27.78 13.46 -6.40
C THR A 168 -26.36 12.94 -6.60
N ALA A 169 -26.03 11.86 -5.90
CA ALA A 169 -24.68 11.32 -5.96
C ALA A 169 -24.43 10.62 -7.30
N LYS A 170 -23.27 10.85 -7.87
CA LYS A 170 -22.88 10.22 -9.13
C LYS A 170 -21.43 9.79 -9.06
N ILE A 171 -21.19 8.50 -9.26
CA ILE A 171 -19.82 7.97 -9.29
C ILE A 171 -19.14 8.39 -10.58
N SER A 172 -17.87 8.77 -10.48
CA SER A 172 -17.08 9.23 -11.62
C SER A 172 -15.72 8.55 -11.64
N ASP A 173 -15.00 8.79 -12.74
CA ASP A 173 -13.62 8.33 -12.95
C ASP A 173 -13.52 6.82 -13.06
N PHE A 174 -13.74 6.29 -14.26
CA PHE A 174 -13.73 4.86 -14.54
C PHE A 174 -12.54 4.44 -15.38
N GLY A 175 -11.47 5.24 -15.36
CA GLY A 175 -10.27 4.88 -16.11
C GLY A 175 -9.55 3.69 -15.54
N LEU A 176 -9.65 3.46 -14.23
CA LEU A 176 -9.02 2.31 -13.59
C LEU A 176 -9.95 1.11 -13.53
N ALA A 177 -11.17 1.22 -14.04
CA ALA A 177 -12.15 0.16 -13.91
C ALA A 177 -11.70 -1.09 -14.65
N ARG A 178 -12.20 -2.24 -14.19
CA ARG A 178 -11.87 -3.54 -14.77
C ARG A 178 -13.11 -4.41 -14.78
N ALA A 179 -13.06 -5.46 -15.58
CA ALA A 179 -14.13 -6.45 -15.62
C ALA A 179 -14.03 -7.38 -14.41
N SER A 180 -15.18 -7.76 -13.87
CA SER A 180 -15.21 -8.62 -12.70
C SER A 180 -15.18 -10.10 -13.10
N TPO A 186 -10.89 -13.57 -7.97
CA TPO A 186 -9.94 -12.55 -7.57
CB TPO A 186 -9.69 -12.61 -6.07
CG2 TPO A 186 -8.80 -11.44 -5.66
OG1 TPO A 186 -10.92 -12.54 -5.36
P TPO A 186 -10.97 -13.81 -4.36
O1P TPO A 186 -10.94 -15.06 -5.15
O2P TPO A 186 -12.32 -13.75 -3.50
O3P TPO A 186 -9.70 -13.77 -3.38
C TPO A 186 -8.64 -12.67 -8.35
O TPO A 186 -8.01 -13.72 -8.37
N VAL A 187 -8.23 -11.58 -9.01
CA VAL A 187 -7.03 -11.58 -9.83
C VAL A 187 -5.97 -10.64 -9.25
N MET A 188 -4.76 -10.72 -9.81
CA MET A 188 -3.65 -9.87 -9.37
C MET A 188 -3.10 -9.03 -10.53
N TPO A 189 -2.57 -7.85 -10.21
CA TPO A 189 -2.00 -6.99 -11.23
CB TPO A 189 -2.86 -5.74 -11.45
CG2 TPO A 189 -3.14 -5.09 -10.10
OG1 TPO A 189 -2.16 -4.82 -12.27
P TPO A 189 -2.42 -5.20 -13.82
O1P TPO A 189 -1.37 -6.14 -14.28
O2P TPO A 189 -3.86 -5.88 -13.97
O3P TPO A 189 -2.37 -3.86 -14.71
C TPO A 189 -0.57 -6.57 -10.88
O TPO A 189 -0.12 -6.75 -9.75
N SEP A 190 0.13 -6.01 -11.85
CA SEP A 190 1.52 -5.62 -11.69
CB SEP A 190 2.34 -6.02 -12.92
OG SEP A 190 2.05 -7.36 -13.28
C SEP A 190 1.64 -4.12 -11.45
O SEP A 190 2.73 -3.60 -11.18
P SEP A 190 2.69 -7.70 -14.72
O1P SEP A 190 1.99 -6.83 -15.86
O2P SEP A 190 2.48 -9.28 -15.03
O3P SEP A 190 4.28 -7.37 -14.69
N ARG A 191 0.51 -3.41 -11.54
CA ARG A 191 0.48 -1.97 -11.31
C ARG A 191 -0.56 -1.62 -10.26
N ILE A 192 -0.13 -1.49 -9.01
CA ILE A 192 -1.02 -1.12 -7.92
C ILE A 192 -1.39 0.35 -8.10
N VAL A 193 -2.66 0.61 -8.45
CA VAL A 193 -3.14 1.97 -8.66
C VAL A 193 -4.30 2.23 -7.70
N GLY A 194 -4.48 3.50 -7.34
CA GLY A 194 -5.54 3.89 -6.44
C GLY A 194 -5.10 4.95 -5.44
N THR A 195 -6.02 5.36 -4.57
CA THR A 195 -5.74 6.33 -3.52
C THR A 195 -5.56 5.59 -2.20
N THR A 196 -4.33 5.60 -1.68
CA THR A 196 -3.96 4.70 -0.59
C THR A 196 -4.80 4.92 0.67
N ALA A 197 -5.22 6.17 0.93
CA ALA A 197 -5.99 6.44 2.14
C ALA A 197 -7.36 5.76 2.14
N TYR A 198 -7.84 5.32 0.97
CA TYR A 198 -9.12 4.65 0.85
C TYR A 198 -9.00 3.15 0.57
N MET A 199 -7.82 2.67 0.23
CA MET A 199 -7.66 1.36 -0.37
C MET A 199 -7.68 0.24 0.66
N ALA A 200 -8.34 -0.85 0.31
CA ALA A 200 -8.34 -2.05 1.13
C ALA A 200 -6.93 -2.65 1.17
N PRO A 201 -6.60 -3.39 2.24
CA PRO A 201 -5.24 -3.97 2.31
C PRO A 201 -4.91 -4.89 1.14
N GLU A 202 -5.87 -5.70 0.69
CA GLU A 202 -5.62 -6.57 -0.46
C GLU A 202 -5.38 -5.75 -1.72
N ALA A 203 -6.06 -4.62 -1.86
CA ALA A 203 -5.86 -3.78 -3.05
C ALA A 203 -4.49 -3.13 -3.03
N LEU A 204 -4.01 -2.73 -1.84
CA LEU A 204 -2.68 -2.16 -1.72
C LEU A 204 -1.59 -3.14 -2.16
N ARG A 205 -1.89 -4.44 -2.18
CA ARG A 205 -0.93 -5.45 -2.57
C ARG A 205 -1.08 -5.89 -4.02
N GLY A 206 -2.14 -5.48 -4.70
CA GLY A 206 -2.29 -5.78 -6.12
C GLY A 206 -3.47 -6.69 -6.45
N GLU A 207 -4.36 -6.90 -5.49
CA GLU A 207 -5.54 -7.71 -5.72
C GLU A 207 -6.67 -6.86 -6.31
N ILE A 208 -7.42 -7.46 -7.22
CA ILE A 208 -8.55 -6.81 -7.88
C ILE A 208 -9.80 -7.61 -7.56
N THR A 209 -10.68 -7.04 -6.74
CA THR A 209 -11.91 -7.70 -6.31
C THR A 209 -12.94 -6.62 -6.01
N PRO A 210 -14.23 -6.90 -6.24
CA PRO A 210 -15.25 -5.91 -5.87
C PRO A 210 -15.34 -5.66 -4.38
N LYS A 211 -14.79 -6.55 -3.54
CA LYS A 211 -14.81 -6.34 -2.10
C LYS A 211 -13.93 -5.17 -1.69
N SER A 212 -12.93 -4.81 -2.50
CA SER A 212 -12.16 -3.61 -2.21
C SER A 212 -13.01 -2.35 -2.36
N ASP A 213 -13.88 -2.33 -3.38
CA ASP A 213 -14.82 -1.23 -3.52
C ASP A 213 -15.67 -1.07 -2.27
N ILE A 214 -16.08 -2.18 -1.65
CA ILE A 214 -16.87 -2.14 -0.44
C ILE A 214 -16.07 -1.51 0.70
N TYR A 215 -14.80 -1.90 0.82
CA TYR A 215 -13.94 -1.32 1.85
C TYR A 215 -13.79 0.19 1.66
N SER A 216 -13.53 0.62 0.42
CA SER A 216 -13.36 2.04 0.16
C SER A 216 -14.65 2.82 0.40
N PHE A 217 -15.81 2.21 0.13
CA PHE A 217 -17.06 2.87 0.44
C PHE A 217 -17.25 3.05 1.94
N GLY A 218 -16.76 2.10 2.73
CA GLY A 218 -16.80 2.27 4.17
C GLY A 218 -15.99 3.47 4.64
N VAL A 219 -14.88 3.75 3.96
CA VAL A 219 -14.09 4.93 4.28
C VAL A 219 -14.87 6.19 3.95
N VAL A 220 -15.59 6.19 2.83
CA VAL A 220 -16.42 7.33 2.46
C VAL A 220 -17.52 7.53 3.49
N LEU A 221 -18.12 6.43 3.96
CA LEU A 221 -19.15 6.53 4.99
C LEU A 221 -18.59 7.15 6.27
N LEU A 222 -17.34 6.84 6.61
CA LEU A 222 -16.70 7.49 7.75
C LEU A 222 -16.51 8.98 7.50
N GLU A 223 -16.08 9.34 6.30
CA GLU A 223 -15.97 10.77 5.96
C GLU A 223 -17.31 11.47 6.08
N ILE A 224 -18.38 10.79 5.64
CA ILE A 224 -19.71 11.39 5.68
C ILE A 224 -20.15 11.62 7.12
N ILE A 225 -19.90 10.63 8.00
CA ILE A 225 -20.29 10.76 9.40
C ILE A 225 -19.49 11.86 10.08
N THR A 226 -18.19 11.91 9.85
CA THR A 226 -17.29 12.77 10.61
C THR A 226 -17.00 14.10 9.93
N GLY A 227 -17.13 14.19 8.61
CA GLY A 227 -16.69 15.38 7.91
C GLY A 227 -15.18 15.51 7.81
N LEU A 228 -14.44 14.49 8.22
CA LEU A 228 -12.98 14.48 8.19
C LEU A 228 -12.48 13.81 6.92
N PRO A 229 -11.49 14.39 6.26
CA PRO A 229 -10.90 13.75 5.09
C PRO A 229 -10.21 12.45 5.47
N ALA A 230 -10.19 11.51 4.52
CA ALA A 230 -9.59 10.20 4.78
C ALA A 230 -8.12 10.32 5.19
N VAL A 231 -7.42 11.32 4.67
CA VAL A 231 -6.04 11.59 5.05
C VAL A 231 -5.88 13.09 5.26
N ASP A 232 -5.27 13.46 6.38
CA ASP A 232 -4.97 14.86 6.69
C ASP A 232 -3.57 14.92 7.26
N GLU A 233 -2.66 15.60 6.55
CA GLU A 233 -1.26 15.61 6.93
C GLU A 233 -1.01 16.39 8.22
N HIS A 234 -1.87 17.35 8.55
CA HIS A 234 -1.74 18.11 9.79
C HIS A 234 -2.68 17.60 10.89
N ARG A 235 -3.12 16.36 10.81
CA ARG A 235 -4.05 15.81 11.77
C ARG A 235 -3.42 14.61 12.46
N GLU A 236 -3.81 14.38 13.71
CA GLU A 236 -3.42 13.19 14.46
C GLU A 236 -4.67 12.50 14.96
N PRO A 237 -4.99 11.28 14.50
CA PRO A 237 -4.30 10.46 13.49
C PRO A 237 -4.44 11.02 12.07
N GLN A 238 -3.44 10.82 11.21
CA GLN A 238 -3.52 11.35 9.86
C GLN A 238 -4.49 10.55 9.01
N LEU A 239 -4.69 9.26 9.33
CA LEU A 239 -5.54 8.38 8.56
C LEU A 239 -6.87 8.18 9.28
N LEU A 240 -7.97 8.47 8.58
CA LEU A 240 -9.30 8.30 9.15
C LEU A 240 -9.54 6.86 9.58
N LEU A 241 -8.92 5.90 8.90
CA LEU A 241 -9.02 4.51 9.32
C LEU A 241 -8.46 4.32 10.73
N ASP A 242 -7.40 5.05 11.07
CA ASP A 242 -6.76 4.93 12.38
C ASP A 242 -7.65 5.49 13.48
N ILE A 243 -8.78 6.07 13.09
CA ILE A 243 -9.72 6.62 14.06
C ILE A 243 -10.78 5.56 14.38
N LYS A 244 -11.11 4.71 13.40
CA LYS A 244 -12.01 3.60 13.70
C LYS A 244 -11.45 2.71 14.79
N GLU A 245 -10.15 2.38 14.72
CA GLU A 245 -9.54 1.54 15.74
C GLU A 245 -9.58 2.21 17.11
N GLU A 246 -9.37 3.53 17.15
CA GLU A 246 -9.46 4.25 18.42
C GLU A 246 -10.87 4.17 19.00
N ILE A 247 -11.89 4.09 18.14
CA ILE A 247 -13.25 3.85 18.60
C ILE A 247 -13.44 2.39 18.98
N GLU A 248 -12.93 1.47 18.14
CA GLU A 248 -13.16 0.04 18.38
C GLU A 248 -12.56 -0.42 19.70
N ASP A 249 -11.36 0.07 20.03
CA ASP A 249 -10.73 -0.32 21.28
C ASP A 249 -11.27 0.52 22.45
N GLU A 250 -12.52 0.95 22.33
CA GLU A 250 -13.31 1.54 23.41
C GLU A 250 -12.73 2.85 23.94
N GLU A 251 -11.61 3.30 23.38
CA GLU A 251 -11.01 4.54 23.85
C GLU A 251 -11.98 5.72 23.69
N LYS A 252 -12.72 5.75 22.59
CA LYS A 252 -13.71 6.78 22.32
C LYS A 252 -14.91 6.15 21.65
N THR A 253 -15.91 6.97 21.32
CA THR A 253 -17.11 6.53 20.63
C THR A 253 -17.29 7.33 19.34
N ILE A 254 -18.22 6.87 18.50
CA ILE A 254 -18.40 7.53 17.21
C ILE A 254 -19.13 8.86 17.37
N GLU A 255 -19.90 9.03 18.46
CA GLU A 255 -20.51 10.34 18.73
C GLU A 255 -19.46 11.40 18.98
N ASP A 256 -18.30 11.01 19.51
CA ASP A 256 -17.21 11.96 19.71
C ASP A 256 -16.64 12.47 18.39
N TYR A 257 -16.92 11.78 17.28
CA TYR A 257 -16.40 12.17 15.97
C TYR A 257 -17.49 12.57 14.98
N ILE A 258 -18.76 12.61 15.40
CA ILE A 258 -19.81 13.10 14.52
C ILE A 258 -19.48 14.51 14.09
N ASP A 259 -19.63 14.78 12.78
CA ASP A 259 -19.39 16.12 12.27
C ASP A 259 -20.24 17.13 13.01
N LYS A 260 -19.59 18.18 13.53
CA LYS A 260 -20.29 19.21 14.28
C LYS A 260 -20.89 20.29 13.38
N LYS A 261 -20.63 20.24 12.08
CA LYS A 261 -21.19 21.21 11.13
C LYS A 261 -22.56 20.77 10.63
N MET A 262 -23.37 20.19 11.51
CA MET A 262 -24.73 19.76 11.19
C MET A 262 -25.54 19.77 12.46
N ASN A 263 -26.84 20.05 12.32
CA ASN A 263 -27.74 20.09 13.45
C ASN A 263 -28.89 19.08 13.36
N ASP A 264 -28.95 18.28 12.29
CA ASP A 264 -30.04 17.36 12.05
C ASP A 264 -29.61 15.90 12.17
N ALA A 265 -28.56 15.63 12.95
CA ALA A 265 -28.06 14.28 13.12
C ALA A 265 -28.67 13.65 14.37
N ASP A 266 -29.21 12.45 14.22
CA ASP A 266 -29.70 11.67 15.35
C ASP A 266 -28.76 10.48 15.57
N SER A 267 -28.55 10.12 16.84
CA SER A 267 -27.55 9.13 17.18
C SER A 267 -27.91 7.74 16.68
N THR A 268 -29.21 7.46 16.51
CA THR A 268 -29.61 6.13 16.07
C THR A 268 -29.25 5.91 14.60
N SER A 269 -29.45 6.93 13.76
CA SER A 269 -29.10 6.79 12.35
C SER A 269 -27.60 6.89 12.12
N VAL A 270 -26.92 7.73 12.89
CA VAL A 270 -25.47 7.85 12.77
C VAL A 270 -24.81 6.51 13.12
N GLU A 271 -25.25 5.89 14.21
CA GLU A 271 -24.71 4.59 14.60
C GLU A 271 -25.06 3.50 13.60
N ALA A 272 -26.17 3.66 12.87
CA ALA A 272 -26.53 2.68 11.85
C ALA A 272 -25.59 2.78 10.66
N MET A 273 -25.26 4.00 10.22
CA MET A 273 -24.32 4.16 9.11
C MET A 273 -22.91 3.75 9.52
N TYR A 274 -22.53 3.99 10.78
CA TYR A 274 -21.23 3.53 11.25
C TYR A 274 -21.15 2.01 11.25
N SER A 275 -22.23 1.35 11.70
CA SER A 275 -22.26 -0.11 11.66
C SER A 275 -22.08 -0.63 10.24
N VAL A 276 -22.70 0.03 9.26
CA VAL A 276 -22.46 -0.32 7.86
C VAL A 276 -21.00 -0.12 7.50
N ALA A 277 -20.43 1.02 7.91
CA ALA A 277 -19.03 1.31 7.62
C ALA A 277 -18.12 0.28 8.26
N SER A 278 -18.40 -0.11 9.51
CA SER A 278 -17.57 -1.09 10.20
C SER A 278 -17.59 -2.44 9.48
N GLN A 279 -18.78 -2.89 9.06
CA GLN A 279 -18.86 -4.12 8.30
C GLN A 279 -18.10 -4.00 6.98
N CYS A 280 -18.21 -2.85 6.33
CA CYS A 280 -17.48 -2.63 5.08
C CYS A 280 -15.97 -2.63 5.31
N LEU A 281 -15.54 -2.17 6.48
CA LEU A 281 -14.11 -1.99 6.77
C LEU A 281 -13.48 -3.21 7.42
N HIS A 282 -14.14 -4.36 7.37
CA HIS A 282 -13.53 -5.60 7.86
C HIS A 282 -12.23 -5.85 7.11
N GLU A 283 -11.15 -6.07 7.87
CA GLU A 283 -9.84 -6.30 7.24
C GLU A 283 -9.88 -7.52 6.34
N LYS A 284 -10.55 -8.59 6.76
CA LYS A 284 -10.75 -9.75 5.92
C LYS A 284 -11.88 -9.48 4.93
N LYS A 285 -11.62 -9.68 3.64
CA LYS A 285 -12.54 -9.20 2.61
C LYS A 285 -13.81 -10.03 2.54
N ASN A 286 -13.71 -11.36 2.73
CA ASN A 286 -14.86 -12.23 2.52
C ASN A 286 -15.96 -12.01 3.54
N LYS A 287 -15.66 -11.40 4.69
CA LYS A 287 -16.67 -11.11 5.68
C LYS A 287 -17.26 -9.72 5.54
N ARG A 288 -16.75 -8.91 4.62
CA ARG A 288 -17.41 -7.66 4.28
C ARG A 288 -18.71 -7.96 3.53
N PRO A 289 -19.76 -7.17 3.75
CA PRO A 289 -20.99 -7.37 2.99
C PRO A 289 -20.81 -7.00 1.53
N ASP A 290 -21.66 -7.57 0.68
CA ASP A 290 -21.66 -7.14 -0.71
C ASP A 290 -22.48 -5.86 -0.86
N ILE A 291 -22.42 -5.28 -2.06
CA ILE A 291 -23.04 -3.96 -2.26
C ILE A 291 -24.55 -4.02 -2.07
N LYS A 292 -25.18 -5.15 -2.40
CA LYS A 292 -26.62 -5.26 -2.24
C LYS A 292 -27.01 -5.22 -0.77
N LYS A 293 -26.20 -5.84 0.10
CA LYS A 293 -26.47 -5.76 1.53
C LYS A 293 -26.22 -4.36 2.07
N VAL A 294 -25.15 -3.71 1.59
CA VAL A 294 -24.89 -2.32 2.00
C VAL A 294 -26.04 -1.43 1.59
N GLN A 295 -26.60 -1.65 0.41
CA GLN A 295 -27.79 -0.92 -0.01
C GLN A 295 -28.92 -1.13 1.00
N GLN A 296 -29.29 -2.38 1.26
CA GLN A 296 -30.40 -2.69 2.15
C GLN A 296 -30.22 -2.03 3.52
N LEU A 297 -29.01 -2.07 4.07
CA LEU A 297 -28.76 -1.47 5.37
C LEU A 297 -28.92 0.05 5.33
N LEU A 298 -28.45 0.68 4.26
CA LEU A 298 -28.63 2.13 4.13
C LEU A 298 -30.08 2.50 3.88
N GLN A 299 -30.82 1.65 3.16
CA GLN A 299 -32.25 1.92 2.95
C GLN A 299 -33.03 1.76 4.25
N GLU A 300 -32.67 0.76 5.06
CA GLU A 300 -33.33 0.57 6.34
C GLU A 300 -33.11 1.75 7.28
N MET A 301 -31.96 2.43 7.15
CA MET A 301 -31.60 3.48 8.09
C MET A 301 -32.59 4.65 8.04
N THR A 302 -32.95 5.08 6.83
CA THR A 302 -33.89 6.18 6.67
C THR A 302 -35.29 5.78 7.14
N ARG B 8 36.51 1.35 13.80
CA ARG B 8 35.76 2.39 13.12
C ARG B 8 35.58 2.07 11.64
N PHE B 9 35.71 3.09 10.80
CA PHE B 9 35.51 2.96 9.36
C PHE B 9 36.78 3.37 8.62
N HIS B 10 36.81 3.09 7.32
CA HIS B 10 37.99 3.33 6.50
C HIS B 10 37.54 3.92 5.17
N SER B 11 38.04 5.11 4.84
CA SER B 11 37.69 5.76 3.59
C SER B 11 38.60 5.21 2.50
N PHE B 12 38.04 4.34 1.65
CA PHE B 12 38.78 3.81 0.52
C PHE B 12 38.85 4.83 -0.62
N SER B 13 39.73 4.54 -1.55
CA SER B 13 39.72 5.17 -2.86
C SER B 13 39.04 4.23 -3.85
N PHE B 14 38.46 4.81 -4.90
CA PHE B 14 37.72 3.98 -5.86
C PHE B 14 38.65 3.08 -6.65
N TYR B 15 39.90 3.50 -6.90
CA TYR B 15 40.78 2.69 -7.73
C TYR B 15 41.16 1.39 -7.02
N GLU B 16 41.31 1.44 -5.69
CA GLU B 16 41.59 0.23 -4.94
C GLU B 16 40.42 -0.75 -5.03
N LEU B 17 39.20 -0.24 -4.93
CA LEU B 17 38.03 -1.11 -4.95
C LEU B 17 37.78 -1.67 -6.35
N LYS B 18 38.21 -0.96 -7.40
CA LYS B 18 38.13 -1.52 -8.74
C LYS B 18 39.06 -2.72 -8.88
N ASN B 19 40.23 -2.67 -8.25
CA ASN B 19 41.21 -3.73 -8.41
C ASN B 19 40.93 -4.93 -7.51
N VAL B 20 40.42 -4.70 -6.30
CA VAL B 20 40.07 -5.82 -5.44
C VAL B 20 38.90 -6.62 -6.01
N THR B 21 38.15 -6.03 -6.94
CA THR B 21 37.02 -6.69 -7.57
C THR B 21 37.31 -7.08 -9.02
N ASN B 22 38.57 -7.06 -9.43
CA ASN B 22 38.98 -7.36 -10.81
C ASN B 22 38.22 -6.47 -11.80
N ASN B 23 38.39 -5.16 -11.61
CA ASN B 23 37.70 -4.14 -12.41
C ASN B 23 36.19 -4.28 -12.33
N PHE B 24 35.69 -4.54 -11.11
CA PHE B 24 34.28 -4.74 -10.85
C PHE B 24 33.68 -5.75 -11.84
N ASP B 25 34.38 -6.87 -12.01
CA ASP B 25 34.02 -7.91 -12.95
C ASP B 25 32.60 -8.37 -12.73
N GLU B 26 31.67 -7.89 -13.56
CA GLU B 26 30.25 -8.18 -13.44
C GLU B 26 29.88 -9.62 -13.75
N ARG B 27 30.84 -10.53 -13.88
CA ARG B 27 30.55 -11.93 -14.11
C ARG B 27 30.34 -12.64 -12.78
N PRO B 28 29.26 -13.41 -12.63
CA PRO B 28 29.10 -14.26 -11.44
C PRO B 28 30.34 -15.07 -11.07
N ILE B 29 30.43 -15.47 -9.81
CA ILE B 29 31.61 -16.20 -9.32
C ILE B 29 31.77 -17.52 -10.06
N SER B 30 30.65 -18.17 -10.39
CA SER B 30 30.70 -19.50 -11.02
C SER B 30 31.49 -19.47 -12.31
N VAL B 31 31.18 -18.53 -13.21
CA VAL B 31 31.93 -18.42 -14.46
C VAL B 31 33.38 -18.09 -14.18
N GLY B 32 33.65 -17.27 -13.16
CA GLY B 32 35.00 -16.89 -12.82
C GLY B 32 35.16 -15.41 -12.61
N GLY B 33 34.05 -14.72 -12.43
CA GLY B 33 34.04 -13.29 -12.20
C GLY B 33 33.96 -12.94 -10.73
N ASN B 34 33.43 -11.74 -10.45
CA ASN B 34 33.40 -11.23 -9.09
C ASN B 34 32.01 -10.80 -8.62
N LYS B 35 31.00 -10.84 -9.48
CA LYS B 35 29.68 -10.37 -9.08
C LYS B 35 29.02 -11.37 -8.14
N MET B 36 28.61 -10.90 -6.97
CA MET B 36 27.88 -11.74 -6.02
C MET B 36 26.38 -11.57 -6.16
N GLY B 37 25.91 -10.36 -6.42
CA GLY B 37 24.49 -10.11 -6.61
C GLY B 37 24.13 -8.64 -6.51
N GLU B 38 23.02 -8.25 -7.13
CA GLU B 38 22.55 -6.88 -7.04
C GLU B 38 21.75 -6.70 -5.75
N GLY B 39 22.05 -5.63 -5.02
CA GLY B 39 21.36 -5.36 -3.78
C GLY B 39 20.02 -4.70 -3.99
N GLY B 40 19.66 -3.76 -3.11
CA GLY B 40 18.44 -2.99 -3.29
C GLY B 40 18.62 -1.89 -4.31
N PHE B 41 19.55 -0.98 -4.04
CA PHE B 41 19.91 0.09 -4.96
C PHE B 41 21.40 0.06 -5.25
N GLY B 42 21.93 -1.13 -5.50
CA GLY B 42 23.35 -1.28 -5.80
C GLY B 42 23.67 -2.72 -6.15
N VAL B 43 24.93 -2.94 -6.48
CA VAL B 43 25.44 -4.26 -6.82
C VAL B 43 26.55 -4.61 -5.83
N VAL B 44 26.69 -5.90 -5.54
CA VAL B 44 27.65 -6.38 -4.55
C VAL B 44 28.60 -7.36 -5.22
N TYR B 45 29.90 -7.10 -5.09
CA TYR B 45 30.95 -7.99 -5.57
C TYR B 45 31.85 -8.40 -4.41
N LYS B 46 32.48 -9.57 -4.56
CA LYS B 46 33.42 -10.05 -3.57
C LYS B 46 34.76 -9.33 -3.73
N GLY B 47 35.31 -8.88 -2.61
CA GLY B 47 36.63 -8.28 -2.61
C GLY B 47 37.53 -8.96 -1.59
N TYR B 48 38.76 -9.28 -1.99
CA TYR B 48 39.70 -9.95 -1.10
C TYR B 48 40.70 -8.96 -0.52
N THR B 53 38.12 -11.42 3.55
CA THR B 53 37.19 -11.22 2.45
C THR B 53 36.19 -10.11 2.78
N VAL B 54 35.89 -9.27 1.78
CA VAL B 54 35.05 -8.10 1.94
C VAL B 54 33.98 -8.13 0.86
N ALA B 55 32.85 -7.46 1.14
CA ALA B 55 31.72 -7.39 0.22
C ALA B 55 31.52 -5.95 -0.20
N VAL B 56 31.69 -5.67 -1.49
CA VAL B 56 31.69 -4.31 -2.01
C VAL B 56 30.32 -4.01 -2.59
N LYS B 57 29.59 -3.08 -1.99
CA LYS B 57 28.30 -2.62 -2.52
C LYS B 57 28.52 -1.32 -3.27
N LYS B 58 28.53 -1.38 -4.60
CA LYS B 58 28.57 -0.19 -5.43
C LYS B 58 27.14 0.26 -5.71
N LEU B 59 26.83 1.50 -5.37
CA LEU B 59 25.47 2.00 -5.40
C LEU B 59 25.18 2.75 -6.69
N ILE B 65 14.86 6.59 -9.72
CA ILE B 65 15.63 7.02 -8.55
C ILE B 65 16.83 7.83 -9.03
N THR B 66 17.20 8.86 -8.27
CA THR B 66 18.28 9.76 -8.62
C THR B 66 19.41 9.68 -7.60
N THR B 67 20.54 10.28 -7.96
CA THR B 67 21.73 10.21 -7.12
C THR B 67 21.74 11.24 -6.00
N GLU B 68 20.85 12.23 -6.03
CA GLU B 68 20.76 13.18 -4.92
C GLU B 68 20.03 12.59 -3.73
N GLU B 69 19.26 11.51 -3.92
CA GLU B 69 18.66 10.79 -2.81
C GLU B 69 19.39 9.50 -2.48
N LEU B 70 20.01 8.85 -3.47
CA LEU B 70 20.80 7.66 -3.19
C LEU B 70 21.95 7.98 -2.25
N LYS B 71 22.53 9.17 -2.38
CA LYS B 71 23.62 9.56 -1.48
C LYS B 71 23.10 9.78 -0.07
N GLN B 72 21.86 10.24 0.10
CA GLN B 72 21.28 10.32 1.42
C GLN B 72 21.13 8.93 2.04
N GLN B 73 20.78 7.94 1.21
CA GLN B 73 20.74 6.55 1.67
C GLN B 73 22.15 6.05 1.97
N PHE B 74 23.09 6.30 1.07
CA PHE B 74 24.49 5.93 1.27
C PHE B 74 25.01 6.52 2.58
N ASP B 75 24.65 7.77 2.87
CA ASP B 75 25.04 8.38 4.15
C ASP B 75 24.29 7.75 5.31
N GLN B 76 22.98 7.52 5.14
CA GLN B 76 22.15 7.02 6.23
C GLN B 76 22.71 5.72 6.80
N GLU B 77 22.93 4.72 5.94
CA GLU B 77 23.43 3.44 6.41
C GLU B 77 24.74 3.59 7.16
N ILE B 78 25.62 4.47 6.70
CA ILE B 78 26.86 4.76 7.42
C ILE B 78 26.54 5.25 8.82
N LYS B 79 25.58 6.17 8.94
CA LYS B 79 25.23 6.72 10.24
C LYS B 79 24.64 5.66 11.15
N VAL B 80 23.67 4.89 10.65
CA VAL B 80 23.05 3.84 11.46
C VAL B 80 24.07 2.78 11.84
N MET B 81 24.88 2.34 10.87
CA MET B 81 25.89 1.34 11.17
C MET B 81 26.97 1.85 12.10
N ALA B 82 27.12 3.17 12.23
CA ALA B 82 28.10 3.71 13.17
C ALA B 82 27.62 3.62 14.62
N LYS B 83 26.31 3.63 14.85
CA LYS B 83 25.77 3.65 16.20
C LYS B 83 25.16 2.32 16.63
N CYS B 84 25.16 1.31 15.77
CA CYS B 84 24.49 0.04 16.04
C CYS B 84 25.42 -1.13 15.73
N GLN B 85 26.00 -1.72 16.77
CA GLN B 85 26.86 -2.89 16.65
C GLN B 85 26.25 -4.01 17.48
N HIS B 86 25.87 -5.10 16.82
CA HIS B 86 25.17 -6.19 17.49
C HIS B 86 25.49 -7.49 16.77
N GLU B 87 25.33 -8.61 17.49
CA GLU B 87 25.66 -9.91 16.93
C GLU B 87 24.81 -10.23 15.70
N ASN B 88 23.59 -9.70 15.66
CA ASN B 88 22.64 -10.04 14.60
C ASN B 88 22.44 -8.90 13.61
N LEU B 89 23.44 -8.02 13.49
CA LEU B 89 23.49 -7.01 12.45
C LEU B 89 24.82 -7.16 11.71
N VAL B 90 24.81 -6.84 10.42
CA VAL B 90 26.06 -6.85 9.66
C VAL B 90 26.99 -5.75 10.18
N GLU B 91 28.27 -5.88 9.84
CA GLU B 91 29.30 -4.97 10.33
C GLU B 91 29.88 -4.20 9.16
N LEU B 92 29.83 -2.87 9.25
CA LEU B 92 30.37 -2.00 8.21
C LEU B 92 31.86 -1.80 8.40
N LEU B 93 32.63 -2.00 7.32
CA LEU B 93 34.08 -1.88 7.37
C LEU B 93 34.60 -0.58 6.76
N GLY B 94 34.19 -0.27 5.53
CA GLY B 94 34.70 0.93 4.89
C GLY B 94 33.75 1.46 3.84
N PHE B 95 34.18 2.56 3.21
CA PHE B 95 33.36 3.23 2.21
C PHE B 95 34.28 3.96 1.24
N SER B 96 33.69 4.44 0.15
CA SER B 96 34.41 5.19 -0.87
C SER B 96 33.49 6.24 -1.46
N SER B 97 34.04 7.43 -1.71
CA SER B 97 33.25 8.53 -2.27
C SER B 97 34.02 9.26 -3.35
N CYS B 103 30.55 3.61 -2.99
CA CYS B 103 30.82 2.22 -2.64
C CYS B 103 30.78 1.99 -1.14
N LEU B 104 30.25 0.83 -0.73
CA LEU B 104 30.17 0.44 0.68
C LEU B 104 30.67 -0.99 0.79
N VAL B 105 31.59 -1.25 1.71
CA VAL B 105 32.18 -2.57 1.87
C VAL B 105 31.95 -3.07 3.29
N TYR B 106 31.62 -4.36 3.40
CA TYR B 106 31.24 -4.98 4.66
C TYR B 106 32.08 -6.23 4.89
N VAL B 107 32.03 -6.74 6.12
CA VAL B 107 32.52 -8.09 6.37
C VAL B 107 31.72 -9.06 5.50
N TYR B 108 32.43 -9.84 4.69
CA TYR B 108 31.78 -10.77 3.78
C TYR B 108 31.01 -11.83 4.55
N MET B 109 29.80 -12.14 4.09
CA MET B 109 28.97 -13.14 4.75
C MET B 109 29.05 -14.44 3.98
N PRO B 110 29.71 -15.48 4.52
CA PRO B 110 29.99 -16.69 3.72
C PRO B 110 28.77 -17.44 3.27
N ASN B 111 27.58 -17.17 3.81
CA ASN B 111 26.39 -17.92 3.45
C ASN B 111 25.29 -17.02 2.87
N GLY B 112 25.64 -15.81 2.44
CA GLY B 112 24.71 -15.02 1.65
C GLY B 112 23.47 -14.63 2.42
N SER B 113 22.36 -14.52 1.68
CA SER B 113 21.09 -14.08 2.23
C SER B 113 20.18 -15.25 2.56
N LEU B 114 19.29 -15.04 3.53
CA LEU B 114 18.31 -16.05 3.90
C LEU B 114 17.42 -16.41 2.72
N LEU B 115 17.12 -15.43 1.86
CA LEU B 115 16.28 -15.69 0.69
C LEU B 115 16.93 -16.74 -0.22
N ASP B 116 18.20 -16.54 -0.55
CA ASP B 116 18.88 -17.45 -1.47
C ASP B 116 19.10 -18.83 -0.85
N ARG B 117 19.28 -18.90 0.46
CA ARG B 117 19.49 -20.18 1.11
C ARG B 117 18.20 -20.97 1.21
N LEU B 118 17.06 -20.29 1.40
CA LEU B 118 15.77 -20.97 1.39
C LEU B 118 15.44 -21.53 0.01
N SER B 119 15.95 -20.90 -1.05
CA SER B 119 15.79 -21.39 -2.40
C SER B 119 16.95 -22.26 -2.85
N CYS B 120 17.95 -22.48 -1.99
CA CYS B 120 19.12 -23.29 -2.32
C CYS B 120 19.83 -22.79 -3.57
N LEU B 121 19.88 -21.46 -3.73
CA LEU B 121 20.55 -20.87 -4.87
C LEU B 121 22.00 -21.33 -4.95
N ASP B 122 22.45 -21.61 -6.18
CA ASP B 122 23.82 -22.03 -6.46
C ASP B 122 24.14 -23.41 -5.89
N GLY B 123 23.12 -24.16 -5.49
CA GLY B 123 23.29 -25.53 -5.06
C GLY B 123 23.59 -25.73 -3.59
N THR B 124 23.33 -24.74 -2.74
CA THR B 124 23.59 -24.90 -1.32
C THR B 124 22.57 -25.88 -0.72
N PRO B 125 22.99 -26.71 0.24
CA PRO B 125 22.05 -27.66 0.83
C PRO B 125 20.92 -26.95 1.56
N PRO B 126 19.75 -27.58 1.66
CA PRO B 126 18.63 -26.93 2.34
C PRO B 126 18.93 -26.68 3.82
N LEU B 127 18.33 -25.62 4.35
CA LEU B 127 18.46 -25.30 5.77
C LEU B 127 17.57 -26.24 6.58
N SER B 128 18.14 -26.84 7.62
CA SER B 128 17.35 -27.67 8.50
C SER B 128 16.43 -26.81 9.36
N TRP B 129 15.41 -27.46 9.93
CA TRP B 129 14.50 -26.74 10.83
C TRP B 129 15.25 -26.20 12.05
N HIS B 130 16.22 -26.97 12.56
CA HIS B 130 17.02 -26.50 13.68
C HIS B 130 17.75 -25.21 13.33
N MET B 131 18.36 -25.16 12.14
CA MET B 131 19.04 -23.93 11.75
CA MET B 131 19.04 -23.94 11.72
C MET B 131 18.05 -22.80 11.51
N ARG B 132 16.86 -23.12 10.97
CA ARG B 132 15.87 -22.08 10.72
C ARG B 132 15.37 -21.45 12.02
N CYS B 133 15.29 -22.24 13.10
CA CYS B 133 14.86 -21.70 14.38
C CYS B 133 15.89 -20.73 14.95
N LYS B 134 17.18 -21.07 14.85
CA LYS B 134 18.21 -20.15 15.30
C LYS B 134 18.23 -18.88 14.46
N ILE B 135 18.04 -19.02 13.15
CA ILE B 135 18.01 -17.84 12.28
C ILE B 135 16.85 -16.93 12.65
N ALA B 136 15.68 -17.52 12.90
CA ALA B 136 14.51 -16.74 13.30
C ALA B 136 14.74 -16.03 14.62
N GLN B 137 15.37 -16.72 15.58
CA GLN B 137 15.67 -16.09 16.87
C GLN B 137 16.70 -14.98 16.72
N GLY B 138 17.74 -15.23 15.93
CA GLY B 138 18.76 -14.20 15.73
C GLY B 138 18.20 -12.97 15.04
N ALA B 139 17.39 -13.17 14.00
CA ALA B 139 16.79 -12.04 13.30
C ALA B 139 15.90 -11.23 14.24
N ALA B 140 15.12 -11.90 15.09
CA ALA B 140 14.31 -11.19 16.07
C ALA B 140 15.18 -10.42 17.06
N ASN B 141 16.32 -11.01 17.45
CA ASN B 141 17.24 -10.31 18.34
C ASN B 141 17.79 -9.06 17.69
N GLY B 142 18.10 -9.12 16.39
CA GLY B 142 18.58 -7.94 15.70
C GLY B 142 17.53 -6.84 15.63
N ILE B 143 16.28 -7.20 15.34
CA ILE B 143 15.21 -6.20 15.29
C ILE B 143 14.97 -5.58 16.65
N ASN B 144 15.03 -6.40 17.71
CA ASN B 144 14.85 -5.86 19.06
C ASN B 144 15.94 -4.84 19.38
N PHE B 145 17.16 -5.10 18.94
CA PHE B 145 18.24 -4.14 19.17
C PHE B 145 17.99 -2.84 18.42
N LEU B 146 17.50 -2.94 17.18
CA LEU B 146 17.21 -1.72 16.41
C LEU B 146 16.07 -0.94 17.04
N HIS B 147 15.03 -1.64 17.52
CA HIS B 147 13.87 -0.96 18.09
C HIS B 147 14.17 -0.41 19.48
N GLU B 148 14.96 -1.14 20.28
CA GLU B 148 15.34 -0.63 21.59
C GLU B 148 16.16 0.65 21.47
N ASN B 149 16.97 0.76 20.42
CA ASN B 149 17.73 1.97 20.14
C ASN B 149 16.94 2.97 19.31
N HIS B 150 15.63 2.77 19.15
CA HIS B 150 14.73 3.73 18.51
C HIS B 150 15.03 3.89 17.02
N HIS B 151 15.14 2.77 16.31
CA HIS B 151 15.31 2.78 14.87
C HIS B 151 14.25 1.89 14.23
N ILE B 152 13.88 2.23 12.99
CA ILE B 152 12.93 1.47 12.20
C ILE B 152 13.63 1.07 10.90
N HIS B 153 13.68 -0.23 10.64
CA HIS B 153 14.41 -0.72 9.47
C HIS B 153 13.72 -0.32 8.17
N ARG B 154 12.42 -0.60 8.07
CA ARG B 154 11.51 -0.26 6.97
C ARG B 154 11.71 -1.14 5.73
N ASP B 155 12.63 -2.10 5.76
CA ASP B 155 12.78 -3.04 4.65
C ASP B 155 13.17 -4.41 5.17
N ILE B 156 12.46 -4.89 6.19
CA ILE B 156 12.70 -6.22 6.74
C ILE B 156 12.22 -7.26 5.74
N LYS B 157 13.13 -8.12 5.28
CA LYS B 157 12.79 -9.19 4.35
C LYS B 157 13.96 -10.18 4.35
N SER B 158 13.71 -11.35 3.76
CA SER B 158 14.71 -12.41 3.79
C SER B 158 15.95 -12.04 2.97
N ALA B 159 15.79 -11.18 1.97
CA ALA B 159 16.94 -10.75 1.17
C ALA B 159 17.89 -9.86 1.97
N ASN B 160 17.41 -9.24 3.05
CA ASN B 160 18.22 -8.38 3.89
C ASN B 160 18.63 -9.05 5.20
N ILE B 161 18.36 -10.34 5.35
CA ILE B 161 18.80 -11.12 6.50
C ILE B 161 19.92 -12.02 5.99
N LEU B 162 21.16 -11.67 6.32
CA LEU B 162 22.33 -12.40 5.85
C LEU B 162 22.79 -13.42 6.88
N LEU B 163 23.66 -14.33 6.44
CA LEU B 163 24.03 -15.51 7.23
C LEU B 163 25.54 -15.66 7.19
N ASP B 164 26.17 -15.66 8.37
CA ASP B 164 27.61 -15.74 8.47
C ASP B 164 28.15 -17.17 8.40
N GLU B 165 29.40 -17.35 8.85
CA GLU B 165 30.03 -18.66 8.81
C GLU B 165 29.27 -19.69 9.66
N ALA B 166 28.56 -19.23 10.68
CA ALA B 166 27.80 -20.13 11.56
C ALA B 166 26.32 -20.11 11.28
N PHE B 167 25.91 -19.56 10.12
CA PHE B 167 24.49 -19.37 9.79
C PHE B 167 23.79 -18.53 10.84
N THR B 168 24.51 -17.55 11.38
CA THR B 168 23.94 -16.57 12.29
C THR B 168 23.26 -15.48 11.49
N ALA B 169 22.01 -15.17 11.82
CA ALA B 169 21.27 -14.14 11.11
C ALA B 169 21.85 -12.76 11.41
N LYS B 170 22.03 -11.96 10.37
CA LYS B 170 22.52 -10.59 10.51
C LYS B 170 21.68 -9.68 9.61
N ILE B 171 21.02 -8.70 10.23
CA ILE B 171 20.19 -7.77 9.46
C ILE B 171 21.07 -6.80 8.70
N SER B 172 20.72 -6.56 7.44
CA SER B 172 21.51 -5.70 6.57
C SER B 172 20.60 -4.63 5.95
N ASP B 173 21.24 -3.73 5.20
CA ASP B 173 20.58 -2.66 4.46
C ASP B 173 19.81 -1.71 5.38
N PHE B 174 20.49 -0.66 5.85
CA PHE B 174 19.88 0.36 6.70
C PHE B 174 19.79 1.70 5.99
N GLY B 175 19.80 1.70 4.65
CA GLY B 175 19.71 2.94 3.91
C GLY B 175 18.33 3.56 3.92
N LEU B 176 17.29 2.77 4.17
CA LEU B 176 15.92 3.26 4.27
C LEU B 176 15.45 3.40 5.71
N ALA B 177 16.38 3.38 6.66
CA ALA B 177 16.03 3.37 8.08
C ALA B 177 15.69 4.77 8.58
N ARG B 178 14.79 4.81 9.56
CA ARG B 178 14.41 6.05 10.24
C ARG B 178 14.52 5.84 11.74
N ALA B 179 14.40 6.92 12.49
CA ALA B 179 14.52 6.91 13.93
C ALA B 179 13.18 7.26 14.57
N SER B 180 12.76 6.46 15.55
CA SER B 180 11.50 6.69 16.25
C SER B 180 11.73 7.52 17.52
N TPO B 186 3.20 8.02 15.61
CA TPO B 186 3.48 7.48 14.27
CB TPO B 186 2.57 6.28 14.00
CG2 TPO B 186 2.37 6.06 12.49
OG1 TPO B 186 3.17 5.10 14.55
P TPO B 186 2.33 4.67 15.84
O1P TPO B 186 2.38 5.75 16.85
O2P TPO B 186 2.96 3.32 16.46
O3P TPO B 186 0.80 4.39 15.43
C TPO B 186 3.32 8.57 13.21
O TPO B 186 2.35 9.34 13.24
N VAL B 187 4.28 8.65 12.29
CA VAL B 187 4.30 9.70 11.28
C VAL B 187 4.11 9.13 9.88
N MET B 188 3.99 10.03 8.91
CA MET B 188 3.71 9.65 7.52
C MET B 188 4.70 10.26 6.53
N TPO B 189 5.02 9.53 5.47
CA TPO B 189 5.89 10.04 4.41
CB TPO B 189 7.16 9.22 4.31
CG2 TPO B 189 6.80 7.75 4.10
OG1 TPO B 189 7.93 9.66 3.19
P TPO B 189 9.10 10.62 3.71
O1P TPO B 189 8.72 12.04 3.51
O2P TPO B 189 9.38 10.35 5.27
O3P TPO B 189 10.45 10.32 2.89
C TPO B 189 5.16 10.05 3.07
O TPO B 189 4.15 9.38 2.89
N SEP B 190 5.68 10.84 2.14
CA SEP B 190 5.14 10.92 0.78
CB SEP B 190 5.27 12.34 0.24
OG SEP B 190 6.47 12.94 0.71
C SEP B 190 5.87 9.93 -0.13
O SEP B 190 5.40 9.63 -1.22
P SEP B 190 6.59 14.46 0.18
O1P SEP B 190 6.83 14.45 -1.41
O2P SEP B 190 7.85 15.17 0.89
O3P SEP B 190 5.25 15.28 0.53
N ARG B 191 7.00 9.44 0.34
CA ARG B 191 7.83 8.52 -0.42
C ARG B 191 7.77 7.14 0.22
N ILE B 192 6.87 6.29 -0.29
CA ILE B 192 6.65 4.96 0.26
C ILE B 192 7.75 4.04 -0.26
N VAL B 193 8.52 3.46 0.67
CA VAL B 193 9.66 2.63 0.30
C VAL B 193 9.51 1.26 0.98
N GLY B 194 10.02 0.23 0.31
CA GLY B 194 9.99 -1.12 0.80
C GLY B 194 9.67 -2.09 -0.30
N THR B 195 9.46 -3.35 0.08
CA THR B 195 9.11 -4.42 -0.85
C THR B 195 7.66 -4.85 -0.57
N THR B 196 6.80 -4.72 -1.58
CA THR B 196 5.35 -4.78 -1.37
C THR B 196 4.93 -6.07 -0.68
N ALA B 197 5.51 -7.21 -1.07
CA ALA B 197 5.09 -8.49 -0.52
C ALA B 197 5.37 -8.64 0.96
N TYR B 198 6.20 -7.77 1.55
CA TYR B 198 6.54 -7.84 2.96
C TYR B 198 5.92 -6.71 3.78
N MET B 199 5.31 -5.72 3.15
CA MET B 199 4.92 -4.50 3.85
C MET B 199 3.55 -4.60 4.51
N ALA B 200 3.43 -3.98 5.67
CA ALA B 200 2.16 -3.88 6.35
C ALA B 200 1.24 -2.91 5.62
N PRO B 201 -0.08 -3.04 5.81
CA PRO B 201 -1.01 -2.10 5.16
C PRO B 201 -0.71 -0.65 5.47
N GLU B 202 -0.43 -0.31 6.73
CA GLU B 202 -0.17 1.07 7.09
C GLU B 202 1.10 1.59 6.43
N ALA B 203 2.08 0.71 6.19
CA ALA B 203 3.31 1.14 5.53
C ALA B 203 3.07 1.44 4.06
N LEU B 204 2.21 0.66 3.41
CA LEU B 204 1.84 0.97 2.03
C LEU B 204 1.00 2.22 1.92
N ARG B 205 0.42 2.68 3.03
CA ARG B 205 -0.31 3.95 3.07
C ARG B 205 0.57 5.12 3.45
N GLY B 206 1.84 4.88 3.79
CA GLY B 206 2.76 5.94 4.10
C GLY B 206 3.11 6.10 5.57
N GLU B 207 2.53 5.30 6.46
CA GLU B 207 2.88 5.37 7.87
C GLU B 207 4.27 4.78 8.11
N ILE B 208 4.98 5.37 9.06
CA ILE B 208 6.28 4.88 9.50
C ILE B 208 6.17 4.54 10.98
N THR B 209 6.38 3.27 11.32
CA THR B 209 6.22 2.81 12.69
C THR B 209 6.97 1.50 12.85
N PRO B 210 7.53 1.23 14.03
CA PRO B 210 8.18 -0.07 14.26
C PRO B 210 7.22 -1.24 14.13
N LYS B 211 5.90 -1.00 14.22
CA LYS B 211 4.92 -2.07 14.05
C LYS B 211 4.91 -2.61 12.63
N SER B 212 5.35 -1.81 11.65
CA SER B 212 5.47 -2.33 10.29
C SER B 212 6.62 -3.30 10.15
N ASP B 213 7.68 -3.11 10.94
CA ASP B 213 8.78 -4.08 10.95
C ASP B 213 8.32 -5.43 11.47
N ILE B 214 7.40 -5.44 12.44
CA ILE B 214 6.90 -6.69 12.99
C ILE B 214 6.11 -7.47 11.95
N TYR B 215 5.24 -6.77 11.20
CA TYR B 215 4.47 -7.41 10.15
C TYR B 215 5.39 -8.03 9.10
N SER B 216 6.41 -7.29 8.69
CA SER B 216 7.36 -7.82 7.70
C SER B 216 8.09 -9.04 8.23
N PHE B 217 8.45 -9.03 9.51
CA PHE B 217 9.07 -10.21 10.11
C PHE B 217 8.13 -11.40 10.08
N GLY B 218 6.83 -11.16 10.23
CA GLY B 218 5.87 -12.25 10.10
C GLY B 218 5.93 -12.92 8.74
N VAL B 219 6.06 -12.12 7.68
CA VAL B 219 6.21 -12.68 6.34
C VAL B 219 7.50 -13.49 6.25
N VAL B 220 8.58 -13.00 6.86
CA VAL B 220 9.83 -13.74 6.87
C VAL B 220 9.64 -15.08 7.57
N LEU B 221 8.88 -15.09 8.66
CA LEU B 221 8.64 -16.34 9.39
C LEU B 221 7.89 -17.35 8.53
N LEU B 222 6.99 -16.87 7.67
CA LEU B 222 6.29 -17.77 6.75
C LEU B 222 7.24 -18.31 5.68
N GLU B 223 8.15 -17.47 5.19
CA GLU B 223 9.16 -17.95 4.26
C GLU B 223 10.02 -19.02 4.90
N ILE B 224 10.32 -18.87 6.19
CA ILE B 224 11.17 -19.84 6.89
C ILE B 224 10.43 -21.17 7.04
N ILE B 225 9.15 -21.10 7.40
CA ILE B 225 8.37 -22.33 7.57
C ILE B 225 8.18 -23.04 6.23
N THR B 226 7.81 -22.29 5.19
CA THR B 226 7.40 -22.87 3.92
C THR B 226 8.52 -23.02 2.91
N GLY B 227 9.63 -22.30 3.07
CA GLY B 227 10.62 -22.25 2.01
C GLY B 227 10.16 -21.58 0.74
N LEU B 228 9.02 -20.87 0.76
CA LEU B 228 8.45 -20.18 -0.39
C LEU B 228 8.73 -18.69 -0.32
N PRO B 229 9.14 -18.08 -1.43
CA PRO B 229 9.33 -16.63 -1.45
C PRO B 229 8.02 -15.91 -1.16
N ALA B 230 8.15 -14.69 -0.63
CA ALA B 230 6.96 -13.92 -0.27
C ALA B 230 6.11 -13.60 -1.49
N VAL B 231 6.74 -13.47 -2.66
CA VAL B 231 6.02 -13.22 -3.91
C VAL B 231 6.62 -14.10 -5.00
N ASP B 232 5.74 -14.74 -5.78
CA ASP B 232 6.14 -15.50 -6.96
C ASP B 232 5.07 -15.25 -8.01
N GLU B 233 5.44 -14.53 -9.07
CA GLU B 233 4.46 -14.15 -10.09
C GLU B 233 3.86 -15.36 -10.81
N HIS B 234 4.53 -16.51 -10.74
CA HIS B 234 4.08 -17.72 -11.42
C HIS B 234 3.57 -18.76 -10.42
N ARG B 235 2.87 -18.30 -9.39
CA ARG B 235 2.43 -19.19 -8.32
C ARG B 235 1.03 -18.80 -7.91
N GLU B 236 0.27 -19.77 -7.40
CA GLU B 236 -1.03 -19.52 -6.80
C GLU B 236 -1.00 -20.06 -5.38
N PRO B 237 -1.07 -19.21 -4.35
CA PRO B 237 -1.19 -17.74 -4.38
C PRO B 237 0.13 -17.08 -4.76
N GLN B 238 0.06 -15.92 -5.43
CA GLN B 238 1.28 -15.18 -5.72
C GLN B 238 1.91 -14.66 -4.44
N LEU B 239 1.09 -14.24 -3.49
CA LEU B 239 1.55 -13.65 -2.24
C LEU B 239 1.48 -14.69 -1.13
N LEU B 240 2.59 -14.84 -0.39
CA LEU B 240 2.66 -15.88 0.63
C LEU B 240 1.75 -15.58 1.81
N LEU B 241 1.56 -14.31 2.15
CA LEU B 241 0.71 -13.95 3.29
C LEU B 241 -0.74 -14.36 3.07
N ASP B 242 -1.13 -14.74 1.85
CA ASP B 242 -2.48 -15.21 1.60
C ASP B 242 -2.75 -16.58 2.21
N ILE B 243 -1.70 -17.34 2.53
CA ILE B 243 -1.91 -18.65 3.16
C ILE B 243 -2.43 -18.49 4.58
N LYS B 244 -2.20 -17.34 5.21
CA LYS B 244 -2.70 -17.11 6.57
C LYS B 244 -4.22 -17.20 6.60
N GLU B 245 -4.89 -16.64 5.59
CA GLU B 245 -6.34 -16.68 5.55
C GLU B 245 -6.85 -18.02 5.03
N GLU B 246 -6.08 -18.70 4.17
CA GLU B 246 -6.45 -20.04 3.76
C GLU B 246 -6.39 -21.02 4.94
N ILE B 247 -5.51 -20.77 5.90
CA ILE B 247 -5.43 -21.60 7.09
C ILE B 247 -6.54 -21.26 8.07
N GLU B 248 -6.85 -19.96 8.22
CA GLU B 248 -7.87 -19.55 9.18
C GLU B 248 -9.27 -19.93 8.70
N ASP B 249 -9.50 -19.84 7.39
CA ASP B 249 -10.74 -20.34 6.79
C ASP B 249 -10.76 -21.87 6.69
N GLU B 250 -9.77 -22.54 7.30
CA GLU B 250 -9.76 -24.00 7.46
C GLU B 250 -9.82 -24.72 6.11
N GLU B 251 -9.38 -24.05 5.05
CA GLU B 251 -9.15 -24.76 3.80
C GLU B 251 -7.88 -25.59 3.88
N LYS B 252 -6.92 -25.18 4.72
CA LYS B 252 -5.67 -25.89 4.89
C LYS B 252 -5.18 -25.68 6.32
N THR B 253 -4.00 -26.22 6.61
CA THR B 253 -3.29 -25.96 7.85
C THR B 253 -1.83 -25.68 7.52
N ILE B 254 -1.08 -25.22 8.52
CA ILE B 254 0.31 -24.85 8.28
C ILE B 254 1.15 -26.06 7.89
N GLU B 255 0.73 -27.26 8.31
CA GLU B 255 1.45 -28.48 7.93
C GLU B 255 1.32 -28.76 6.44
N ASP B 256 0.24 -28.30 5.81
CA ASP B 256 0.11 -28.44 4.35
C ASP B 256 1.17 -27.62 3.61
N TYR B 257 1.81 -26.66 4.26
CA TYR B 257 2.74 -25.76 3.61
C TYR B 257 4.18 -25.90 4.11
N ILE B 258 4.43 -26.75 5.11
CA ILE B 258 5.78 -26.91 5.65
C ILE B 258 6.73 -27.27 4.53
N ASP B 259 7.87 -26.58 4.48
CA ASP B 259 8.90 -26.86 3.49
C ASP B 259 9.24 -28.34 3.49
N LYS B 260 9.07 -28.98 2.32
CA LYS B 260 9.35 -30.40 2.18
C LYS B 260 10.84 -30.71 2.11
N LYS B 261 11.69 -29.69 1.95
CA LYS B 261 13.13 -29.85 1.95
C LYS B 261 13.71 -29.89 3.36
N MET B 262 12.95 -30.41 4.32
CA MET B 262 13.36 -30.55 5.71
C MET B 262 13.01 -31.95 6.17
N ASN B 263 13.85 -32.54 7.03
CA ASN B 263 13.52 -33.82 7.66
C ASN B 263 13.37 -33.75 9.17
N ASP B 264 13.68 -32.60 9.79
CA ASP B 264 13.75 -32.51 11.24
C ASP B 264 12.71 -31.58 11.84
N ALA B 265 11.73 -31.12 11.06
CA ALA B 265 10.68 -30.27 11.61
C ALA B 265 9.63 -31.13 12.30
N ASP B 266 9.18 -30.67 13.46
CA ASP B 266 8.08 -31.31 14.18
C ASP B 266 6.89 -30.35 14.22
N SER B 267 5.69 -30.92 14.26
CA SER B 267 4.47 -30.12 14.13
C SER B 267 4.34 -29.10 15.25
N THR B 268 4.74 -29.47 16.47
CA THR B 268 4.55 -28.58 17.61
C THR B 268 5.35 -27.28 17.44
N SER B 269 6.63 -27.38 17.11
CA SER B 269 7.45 -26.19 16.98
C SER B 269 7.08 -25.38 15.73
N VAL B 270 6.67 -26.06 14.66
CA VAL B 270 6.22 -25.35 13.47
C VAL B 270 4.98 -24.53 13.77
N GLU B 271 4.01 -25.13 14.47
CA GLU B 271 2.80 -24.40 14.83
C GLU B 271 3.08 -23.27 15.80
N ALA B 272 4.07 -23.43 16.69
CA ALA B 272 4.45 -22.35 17.58
C ALA B 272 5.02 -21.17 16.81
N MET B 273 5.84 -21.45 15.79
CA MET B 273 6.39 -20.37 14.97
C MET B 273 5.31 -19.72 14.11
N TYR B 274 4.35 -20.53 13.61
CA TYR B 274 3.25 -19.96 12.84
C TYR B 274 2.37 -19.08 13.72
N SER B 275 2.19 -19.45 14.99
CA SER B 275 1.42 -18.61 15.90
C SER B 275 2.07 -17.24 16.05
N VAL B 276 3.41 -17.20 16.12
CA VAL B 276 4.11 -15.92 16.18
C VAL B 276 3.91 -15.15 14.88
N ALA B 277 4.09 -15.81 13.75
CA ALA B 277 3.89 -15.16 12.46
C ALA B 277 2.46 -14.65 12.32
N SER B 278 1.48 -15.46 12.71
CA SER B 278 0.08 -15.03 12.62
C SER B 278 -0.17 -13.80 13.48
N GLN B 279 0.44 -13.74 14.66
CA GLN B 279 0.30 -12.55 15.51
C GLN B 279 0.97 -11.34 14.87
N CYS B 280 2.14 -11.54 14.26
CA CYS B 280 2.83 -10.43 13.59
C CYS B 280 2.05 -9.93 12.39
N LEU B 281 1.24 -10.78 11.76
CA LEU B 281 0.55 -10.45 10.52
C LEU B 281 -0.87 -9.95 10.74
N HIS B 282 -1.23 -9.58 11.96
CA HIS B 282 -2.53 -8.95 12.19
C HIS B 282 -2.62 -7.66 11.39
N GLU B 283 -3.68 -7.52 10.61
CA GLU B 283 -3.82 -6.36 9.73
C GLU B 283 -3.90 -5.06 10.51
N LYS B 284 -4.39 -5.11 11.75
CA LYS B 284 -4.45 -3.93 12.61
C LYS B 284 -3.15 -3.81 13.37
N LYS B 285 -2.46 -2.67 13.21
CA LYS B 285 -1.08 -2.56 13.67
C LYS B 285 -0.97 -2.65 15.19
N ASN B 286 -1.94 -2.10 15.92
CA ASN B 286 -1.85 -2.07 17.38
C ASN B 286 -2.21 -3.40 18.02
N LYS B 287 -2.79 -4.34 17.27
CA LYS B 287 -3.00 -5.68 17.79
C LYS B 287 -1.76 -6.57 17.63
N ARG B 288 -0.75 -6.09 16.91
CA ARG B 288 0.45 -6.87 16.72
C ARG B 288 1.30 -6.87 17.99
N PRO B 289 2.08 -7.91 18.22
CA PRO B 289 3.01 -7.92 19.35
C PRO B 289 4.20 -7.01 19.09
N ASP B 290 4.82 -6.57 20.17
CA ASP B 290 6.10 -5.88 20.05
C ASP B 290 7.21 -6.91 19.82
N ILE B 291 8.39 -6.41 19.43
CA ILE B 291 9.49 -7.31 19.11
C ILE B 291 9.97 -8.07 20.34
N LYS B 292 9.81 -7.49 21.53
CA LYS B 292 10.24 -8.17 22.75
C LYS B 292 9.39 -9.42 22.98
N LYS B 293 8.07 -9.30 22.85
CA LYS B 293 7.23 -10.48 22.98
C LYS B 293 7.48 -11.48 21.86
N VAL B 294 7.79 -10.98 20.65
CA VAL B 294 8.18 -11.88 19.56
C VAL B 294 9.43 -12.65 19.93
N GLN B 295 10.41 -11.96 20.53
CA GLN B 295 11.61 -12.62 21.04
C GLN B 295 11.25 -13.71 22.03
N GLN B 296 10.45 -13.36 23.05
CA GLN B 296 10.08 -14.30 24.09
C GLN B 296 9.39 -15.54 23.52
N LEU B 297 8.51 -15.34 22.55
CA LEU B 297 7.76 -16.47 21.99
C LEU B 297 8.68 -17.40 21.19
N LEU B 298 9.63 -16.83 20.44
CA LEU B 298 10.54 -17.66 19.67
C LEU B 298 11.53 -18.40 20.57
N GLN B 299 11.93 -17.80 21.69
CA GLN B 299 12.77 -18.50 22.65
C GLN B 299 11.99 -19.59 23.37
N GLU B 300 10.74 -19.31 23.75
CA GLU B 300 9.89 -20.33 24.35
C GLU B 300 9.71 -21.52 23.42
N MET B 301 9.77 -21.30 22.11
CA MET B 301 9.56 -22.37 21.14
C MET B 301 10.71 -23.36 21.17
N THR B 302 11.94 -22.89 21.36
CA THR B 302 13.09 -23.79 21.38
C THR B 302 13.30 -24.45 22.74
N ALA B 303 12.66 -23.94 23.78
CA ALA B 303 12.79 -24.52 25.12
C ALA B 303 12.10 -25.88 25.18
C13 A1BWX C . -18.97 23.24 -7.95
C15 A1BWX C . -19.63 24.29 -5.76
C20 A1BWX C . -18.59 16.39 -14.03
C21 A1BWX C . -18.30 15.16 -14.64
C22 A1BWX C . -17.03 14.80 -14.27
C24 A1BWX C . -16.22 13.68 -14.58
C26 A1BWX C . -14.56 14.71 -13.18
C28 A1BWX C . -14.13 12.50 -14.33
C01 A1BWX C . -17.23 20.25 -10.93
C02 A1BWX C . -18.24 20.01 -11.85
C04 A1BWX C . -17.35 18.00 -12.47
C05 A1BWX C . -16.31 18.16 -11.56
C06 A1BWX C . -16.21 19.29 -10.76
C07 A1BWX C . -17.24 21.50 -10.13
C11 A1BWX C . -17.48 16.78 -13.29
C12 A1BWX C . -18.61 23.46 -9.42
C14 A1BWX C . -19.12 24.56 -7.18
C16 A1BWX C . -20.07 25.54 -7.87
C19 A1BWX C . -14.12 18.65 -9.33
C25 A1BWX C . -14.98 13.60 -14.06
C30 A1BWX C . -14.63 17.28 -8.83
C31 A1BWX C . -13.46 16.37 -8.44
C32 A1BWX C . -12.13 17.12 -8.56
C33 A1BWX C . -12.19 18.39 -7.71
C34 A1BWX C . -13.27 19.35 -8.23
C36 A1BWX C . -11.93 17.51 -10.02
C37 A1BWX C . -13.12 18.36 -10.50
F18 A1BWX C . -18.01 22.48 -7.36
N03 A1BWX C . -18.33 18.91 -12.61
N08 A1BWX C . -18.44 22.21 -10.14
N10 A1BWX C . -15.18 19.51 -9.85
N23 A1BWX C . -16.52 15.78 -13.45
N27 A1BWX C . -15.27 15.75 -12.88
N29 A1BWX C . -13.43 11.61 -14.54
O09 A1BWX C . -16.24 21.83 -9.51
O17 A1BWX C . -17.83 25.17 -7.09
O35 A1BWX C . -11.07 16.28 -8.11
C13 A1BWX D . 27.40 -17.04 -0.50
C15 A1BWX D . 26.68 -19.45 -0.64
C20 A1BWX D . 27.87 -8.88 3.65
C21 A1BWX D . 27.50 -7.66 4.24
C22 A1BWX D . 26.57 -7.08 3.43
C24 A1BWX D . 25.84 -5.87 3.51
C26 A1BWX D . 24.80 -6.54 1.45
C28 A1BWX D . 24.20 -4.36 2.57
C01 A1BWX D . 27.37 -12.40 -0.07
C02 A1BWX D . 28.25 -12.17 0.99
C04 A1BWX D . 27.22 -10.19 1.57
C05 A1BWX D . 26.30 -10.37 0.54
C06 A1BWX D . 26.34 -11.47 -0.32
C07 A1BWX D . 27.54 -13.62 -0.90
C11 A1BWX D . 27.15 -9.05 2.48
C12 A1BWX D . 28.38 -15.95 -0.94
C14 A1BWX D . 27.66 -18.40 -1.17
C16 A1BWX D . 29.10 -18.88 -0.98
C19 A1BWX D . 24.17 -11.02 -1.70
C25 A1BWX D . 24.95 -5.55 2.55
C30 A1BWX D . 23.20 -10.94 -0.50
C31 A1BWX D . 21.93 -10.14 -0.85
C32 A1BWX D . 22.00 -9.67 -2.31
C33 A1BWX D . 22.15 -10.91 -3.22
C34 A1BWX D . 23.45 -11.67 -2.90
C36 A1BWX D . 23.22 -8.77 -2.49
C37 A1BWX D . 24.49 -9.55 -2.14
F18 A1BWX D . 26.14 -16.62 -0.82
N03 A1BWX D . 28.20 -11.09 1.81
N08 A1BWX D . 28.15 -14.69 -0.26
N10 A1BWX D . 25.45 -11.67 -1.37
N23 A1BWX D . 26.33 -7.93 2.35
N27 A1BWX D . 25.44 -7.66 1.34
N29 A1BWX D . 23.57 -3.37 2.58
O09 A1BWX D . 27.15 -13.62 -2.06
O17 A1BWX D . 27.44 -18.24 -2.58
O35 A1BWX D . 20.81 -8.97 -2.63
#